data_6QOL
#
_entry.id   6QOL
#
_cell.length_a   74.008
_cell.length_b   78.608
_cell.length_c   86.729
_cell.angle_alpha   90.000
_cell.angle_beta   90.000
_cell.angle_gamma   90.000
#
_symmetry.space_group_name_H-M   'P 21 21 21'
#
loop_
_entity.id
_entity.type
_entity.pdbx_description
1 polymer 'tRNA (guanine-N(1)-)-methyltransferase'
2 non-polymer quinoxalin-6-amine
3 water water
#
_entity_poly.entity_id   1
_entity_poly.type   'polypeptide(L)'
_entity_poly.pdbx_seq_one_letter_code
;GSMKIDVVTIFPEYLQPVRQSLPGKAIDAGLVDVAVHDLRRWTHDVHKSVDDSPYGGGPGMVMKPTVWGDALDEICTSET
LLVVPTPAGYPFTQETAWQWSTEDHLVIACGRYEGIDQRVADDAATRMRVREVSIGDYVLNGGEAAALVIIEAVLRLVPG
VLGNALSAQEDSHSEGMASLLEGPSYTRPPSWRGMDVPPVLLSGDHAKIAAWRAEQSRQRTIERRPDLLGFDSPTGEHGG
DGLS
;
_entity_poly.pdbx_strand_id   A,B
#
# COMPACT_ATOMS: atom_id res chain seq x y z
N SER A 2 -15.64 -19.54 0.95
CA SER A 2 -16.29 -18.62 1.89
C SER A 2 -15.28 -17.95 2.81
N MET A 3 -15.00 -16.67 2.57
CA MET A 3 -14.12 -15.93 3.45
C MET A 3 -14.83 -14.80 4.17
N LYS A 4 -14.52 -14.64 5.45
CA LYS A 4 -14.98 -13.49 6.22
C LYS A 4 -13.77 -12.63 6.56
N ILE A 5 -13.86 -11.33 6.27
CA ILE A 5 -12.83 -10.42 6.74
C ILE A 5 -13.45 -9.39 7.66
N ASP A 6 -12.92 -9.27 8.87
CA ASP A 6 -13.34 -8.23 9.80
C ASP A 6 -12.18 -7.26 9.91
N VAL A 7 -12.45 -5.96 9.79
CA VAL A 7 -11.40 -4.95 9.91
C VAL A 7 -11.74 -4.06 11.09
N VAL A 8 -10.76 -3.80 11.97
CA VAL A 8 -11.02 -2.96 13.15
C VAL A 8 -10.14 -1.73 13.05
N THR A 9 -10.75 -0.54 13.16
CA THR A 9 -10.06 0.70 12.83
C THR A 9 -10.75 1.88 13.54
N ILE A 10 -10.02 2.95 13.81
CA ILE A 10 -10.71 4.17 14.25
C ILE A 10 -11.12 5.03 13.06
N PHE A 11 -10.87 4.56 11.83
CA PHE A 11 -11.37 5.25 10.64
C PHE A 11 -12.23 4.34 9.76
N PRO A 12 -13.41 3.92 10.24
CA PRO A 12 -14.18 2.90 9.49
C PRO A 12 -14.60 3.35 8.08
N GLU A 13 -14.78 4.65 7.91
CA GLU A 13 -15.15 5.24 6.62
C GLU A 13 -14.09 4.95 5.55
N TYR A 14 -12.84 4.80 6.00
CA TYR A 14 -11.70 4.57 5.11
C TYR A 14 -11.89 3.30 4.31
N LEU A 15 -12.46 2.29 4.96
CA LEU A 15 -12.57 0.96 4.38
C LEU A 15 -13.86 0.72 3.59
N GLN A 16 -14.84 1.60 3.70
CA GLN A 16 -16.11 1.40 2.99
C GLN A 16 -15.96 1.30 1.46
N PRO A 17 -15.06 2.11 0.86
CA PRO A 17 -14.93 1.96 -0.61
C PRO A 17 -14.40 0.60 -1.10
N VAL A 18 -13.74 -0.19 -0.26
CA VAL A 18 -13.23 -1.48 -0.73
C VAL A 18 -14.29 -2.56 -0.68
N ARG A 19 -15.29 -2.18 0.28
CA ARG A 19 -16.29 -3.21 0.44
C ARG A 19 -17.19 -3.38 -0.82
N GLN A 20 -16.99 -2.65 -1.77
CA GLN A 20 -17.83 -2.71 -2.96
C GLN A 20 -17.00 -3.49 -3.93
N SER A 21 -16.95 -4.79 -3.72
CA SER A 21 -16.15 -5.64 -4.59
C SER A 21 -14.84 -4.92 -4.98
N ASP A 28 -19.81 -7.98 -4.78
CA ASP A 28 -21.09 -8.08 -5.48
C ASP A 28 -21.43 -9.52 -5.77
N ALA A 29 -20.41 -10.37 -5.76
CA ALA A 29 -20.57 -11.78 -6.07
C ALA A 29 -21.09 -12.54 -4.87
N GLY A 30 -20.80 -12.02 -3.68
CA GLY A 30 -21.24 -12.62 -2.44
C GLY A 30 -20.48 -13.88 -2.09
N LEU A 31 -19.16 -13.86 -2.30
CA LEU A 31 -18.28 -14.98 -1.93
C LEU A 31 -17.39 -14.61 -0.74
N VAL A 32 -17.21 -13.31 -0.53
CA VAL A 32 -16.54 -12.85 0.66
C VAL A 32 -17.53 -12.00 1.44
N ASP A 33 -17.33 -11.94 2.75
CA ASP A 33 -17.97 -10.90 3.54
C ASP A 33 -16.87 -10.06 4.19
N VAL A 34 -16.92 -8.76 3.97
CA VAL A 34 -15.96 -7.84 4.58
C VAL A 34 -16.75 -6.93 5.50
N ALA A 35 -16.41 -6.94 6.79
CA ALA A 35 -17.11 -6.12 7.76
C ALA A 35 -16.13 -5.18 8.43
N VAL A 36 -16.52 -3.93 8.59
CA VAL A 36 -15.64 -2.93 9.18
C VAL A 36 -16.23 -2.49 10.53
N HIS A 37 -15.36 -2.45 11.55
CA HIS A 37 -15.80 -2.11 12.90
C HIS A 37 -15.02 -0.92 13.43
N ASP A 38 -15.73 0.05 13.99
CA ASP A 38 -15.11 1.20 14.65
C ASP A 38 -14.56 0.76 16.00
N LEU A 39 -13.24 0.90 16.18
CA LEU A 39 -12.58 0.52 17.42
C LEU A 39 -13.20 1.21 18.65
N ARG A 40 -13.71 2.42 18.47
CA ARG A 40 -14.24 3.19 19.60
C ARG A 40 -15.46 2.51 20.23
N ARG A 41 -16.05 1.55 19.52
CA ARG A 41 -17.11 0.73 20.08
C ARG A 41 -16.66 0.07 21.37
N TRP A 42 -15.37 -0.20 21.49
CA TRP A 42 -14.88 -0.93 22.66
C TRP A 42 -14.11 -0.07 23.65
N THR A 43 -14.26 1.25 23.57
CA THR A 43 -13.63 2.12 24.56
C THR A 43 -14.43 2.14 25.85
N HIS A 44 -13.79 2.55 26.94
CA HIS A 44 -14.35 2.39 28.28
C HIS A 44 -14.84 3.70 28.85
N ASP A 45 -14.38 4.80 28.27
CA ASP A 45 -14.62 6.11 28.86
C ASP A 45 -15.38 6.98 27.90
N VAL A 46 -16.02 7.99 28.47
CA VAL A 46 -16.85 8.89 27.70
C VAL A 46 -16.00 9.64 26.66
N HIS A 47 -14.69 9.75 26.91
CA HIS A 47 -13.79 10.41 25.95
C HIS A 47 -13.38 9.50 24.80
N LYS A 48 -13.76 8.23 24.88
CA LYS A 48 -13.48 7.22 23.86
C LYS A 48 -11.99 7.13 23.53
N SER A 49 -11.17 6.98 24.56
CA SER A 49 -9.73 6.93 24.45
C SER A 49 -9.25 5.61 23.85
N VAL A 50 -8.44 5.67 22.80
CA VAL A 50 -7.88 4.45 22.21
C VAL A 50 -6.36 4.34 22.37
N ASP A 51 -5.71 5.42 22.80
CA ASP A 51 -4.26 5.35 23.00
C ASP A 51 -3.83 6.11 24.25
N ASP A 52 -2.57 5.94 24.61
CA ASP A 52 -2.06 6.45 25.88
C ASP A 52 -0.53 6.60 25.76
N SER A 53 0.09 7.31 26.69
CA SER A 53 1.53 7.55 26.58
C SER A 53 2.36 6.27 26.74
N PRO A 54 3.48 6.17 26.00
CA PRO A 54 4.28 4.94 26.05
C PRO A 54 5.06 4.82 27.35
N TYR A 55 5.07 3.64 27.95
CA TYR A 55 5.96 3.40 29.09
C TYR A 55 7.40 3.55 28.64
N GLY A 56 8.23 4.11 29.51
CA GLY A 56 9.63 4.33 29.18
C GLY A 56 9.84 5.61 28.40
N GLY A 57 8.74 6.33 28.16
CA GLY A 57 8.83 7.63 27.52
C GLY A 57 8.98 7.55 26.01
N GLY A 58 9.08 8.71 25.38
CA GLY A 58 9.20 8.78 23.94
C GLY A 58 8.02 9.53 23.36
N PRO A 59 8.08 9.82 22.06
CA PRO A 59 7.02 10.56 21.36
C PRO A 59 5.92 9.64 20.88
N GLY A 60 4.78 10.21 20.52
CA GLY A 60 3.68 9.43 20.01
C GLY A 60 2.90 8.80 21.14
N MET A 61 1.89 8.02 20.76
CA MET A 61 1.02 7.34 21.70
C MET A 61 1.00 5.88 21.30
N VAL A 62 0.63 5.01 22.23
CA VAL A 62 0.54 3.58 21.98
C VAL A 62 -0.91 3.17 22.18
N MET A 63 -1.46 2.31 21.32
CA MET A 63 -2.88 2.00 21.49
C MET A 63 -3.09 1.09 22.69
N LYS A 64 -4.16 1.36 23.42
CA LYS A 64 -4.44 0.72 24.70
C LYS A 64 -4.73 -0.77 24.59
N PRO A 65 -4.11 -1.58 25.47
CA PRO A 65 -4.38 -3.02 25.48
C PRO A 65 -5.81 -3.34 25.94
N THR A 66 -6.38 -2.60 26.89
CA THR A 66 -7.71 -2.97 27.40
C THR A 66 -8.77 -2.82 26.32
N VAL A 67 -8.62 -1.81 25.47
CA VAL A 67 -9.57 -1.57 24.39
C VAL A 67 -9.45 -2.64 23.28
N TRP A 68 -8.22 -2.87 22.81
CA TRP A 68 -8.01 -3.87 21.75
C TRP A 68 -8.31 -5.27 22.22
N GLY A 69 -8.00 -5.54 23.48
CA GLY A 69 -8.30 -6.83 24.07
C GLY A 69 -9.77 -7.14 24.01
N ASP A 70 -10.62 -6.16 24.36
CA ASP A 70 -12.06 -6.35 24.33
C ASP A 70 -12.55 -6.54 22.88
N ALA A 71 -12.01 -5.75 21.97
CA ALA A 71 -12.45 -5.81 20.58
C ALA A 71 -12.16 -7.20 19.99
N LEU A 72 -10.93 -7.67 20.15
CA LEU A 72 -10.53 -8.95 19.58
C LEU A 72 -11.22 -10.12 20.25
N ASP A 73 -11.46 -10.03 21.56
CA ASP A 73 -12.22 -11.06 22.27
C ASP A 73 -13.59 -11.28 21.64
N GLU A 74 -14.24 -10.18 21.26
CA GLU A 74 -15.56 -10.28 20.68
C GLU A 74 -15.55 -10.80 19.24
N ILE A 75 -14.55 -10.36 18.47
CA ILE A 75 -14.50 -10.58 17.03
C ILE A 75 -13.74 -11.86 16.60
N CYS A 76 -12.67 -12.19 17.30
CA CYS A 76 -11.86 -13.35 16.94
C CYS A 76 -12.39 -14.66 17.51
N THR A 77 -12.10 -15.76 16.83
CA THR A 77 -12.22 -17.11 17.41
C THR A 77 -10.89 -17.83 17.26
N SER A 78 -10.85 -19.08 17.71
CA SER A 78 -9.62 -19.86 17.64
C SER A 78 -9.25 -20.16 16.19
N GLU A 79 -10.20 -20.02 15.28
CA GLU A 79 -9.94 -20.26 13.85
C GLU A 79 -9.38 -19.02 13.13
N THR A 80 -9.43 -17.89 13.81
CA THR A 80 -9.08 -16.61 13.19
C THR A 80 -7.60 -16.47 12.86
N LEU A 81 -7.31 -15.88 11.70
CA LEU A 81 -5.96 -15.42 11.43
C LEU A 81 -5.95 -13.93 11.67
N LEU A 82 -5.25 -13.51 12.71
CA LEU A 82 -5.21 -12.11 13.12
C LEU A 82 -4.05 -11.42 12.42
N VAL A 83 -4.39 -10.45 11.57
CA VAL A 83 -3.39 -9.73 10.81
C VAL A 83 -3.20 -8.35 11.41
N VAL A 84 -1.96 -8.02 11.74
CA VAL A 84 -1.64 -6.72 12.31
C VAL A 84 -0.64 -6.00 11.40
N PRO A 85 -1.14 -5.08 10.57
CA PRO A 85 -0.18 -4.35 9.72
C PRO A 85 0.70 -3.46 10.58
N THR A 86 1.98 -3.33 10.38
CA THR A 86 3.03 -2.70 11.17
C THR A 86 4.31 -2.72 10.38
N PRO A 87 4.87 -1.42 10.55
CA PRO A 87 6.17 -1.18 9.91
C PRO A 87 7.22 -2.12 10.47
N ALA A 88 7.00 -2.68 11.66
CA ALA A 88 7.95 -3.61 12.24
C ALA A 88 7.62 -5.07 11.92
N GLY A 89 6.75 -5.29 10.95
CA GLY A 89 6.32 -6.64 10.62
C GLY A 89 7.24 -7.43 9.70
N TYR A 90 6.98 -8.73 9.59
CA TYR A 90 7.53 -9.56 8.52
C TYR A 90 7.03 -8.99 7.20
N PRO A 91 7.80 -9.13 6.11
CA PRO A 91 7.33 -8.55 4.85
C PRO A 91 6.05 -9.22 4.35
N PHE A 92 5.03 -8.46 3.97
CA PHE A 92 3.86 -9.02 3.29
C PHE A 92 4.23 -9.25 1.83
N THR A 93 4.14 -10.49 1.37
CA THR A 93 4.51 -10.84 0.00
C THR A 93 3.36 -11.49 -0.74
N GLN A 94 3.55 -11.75 -2.02
CA GLN A 94 2.55 -12.44 -2.82
C GLN A 94 2.37 -13.87 -2.30
N GLU A 95 3.44 -14.45 -1.79
CA GLU A 95 3.35 -15.77 -1.17
C GLU A 95 2.42 -15.68 0.05
N THR A 96 2.55 -14.62 0.83
CA THR A 96 1.64 -14.41 1.96
C THR A 96 0.20 -14.30 1.49
N ALA A 97 -0.03 -13.52 0.44
CA ALA A 97 -1.38 -13.32 -0.07
C ALA A 97 -2.02 -14.64 -0.50
N TRP A 98 -1.24 -15.48 -1.19
CA TRP A 98 -1.74 -16.79 -1.60
C TRP A 98 -2.13 -17.64 -0.39
N GLN A 99 -1.28 -17.65 0.63
CA GLN A 99 -1.56 -18.44 1.83
C GLN A 99 -2.85 -17.97 2.48
N TRP A 100 -2.97 -16.66 2.68
CA TRP A 100 -4.12 -16.13 3.38
C TRP A 100 -5.40 -16.27 2.58
N SER A 101 -5.27 -16.49 1.27
CA SER A 101 -6.45 -16.49 0.41
C SER A 101 -7.36 -17.70 0.65
N THR A 102 -6.88 -18.71 1.36
CA THR A 102 -7.65 -19.91 1.64
C THR A 102 -8.18 -19.94 3.09
N GLU A 103 -7.93 -18.89 3.85
CA GLU A 103 -8.42 -18.78 5.22
C GLU A 103 -9.92 -18.50 5.30
N ASP A 104 -10.57 -19.05 6.33
CA ASP A 104 -11.99 -18.82 6.53
C ASP A 104 -12.29 -17.47 7.15
N HIS A 105 -11.35 -16.96 7.95
CA HIS A 105 -11.60 -15.77 8.76
C HIS A 105 -10.31 -15.00 8.98
N LEU A 106 -10.22 -13.82 8.39
CA LEU A 106 -9.14 -12.88 8.66
C LEU A 106 -9.68 -11.74 9.50
N VAL A 107 -8.95 -11.35 10.52
CA VAL A 107 -9.25 -10.11 11.24
C VAL A 107 -8.04 -9.20 11.12
N ILE A 108 -8.26 -7.99 10.64
CA ILE A 108 -7.18 -7.05 10.41
C ILE A 108 -7.28 -5.91 11.41
N ALA A 109 -6.30 -5.84 12.31
CA ALA A 109 -6.28 -4.84 13.37
C ALA A 109 -5.45 -3.64 12.98
N CYS A 110 -6.11 -2.52 12.68
CA CYS A 110 -5.43 -1.33 12.19
C CYS A 110 -5.06 -0.38 13.31
N GLY A 111 -3.77 -0.14 13.50
CA GLY A 111 -3.30 0.78 14.52
C GLY A 111 -2.45 1.88 13.92
N ARG A 112 -2.14 2.89 14.72
CA ARG A 112 -1.26 3.96 14.28
C ARG A 112 0.18 3.47 14.13
N TYR A 113 1.03 4.26 13.47
CA TYR A 113 2.42 3.87 13.22
C TYR A 113 3.12 3.37 14.50
N GLU A 114 2.95 4.10 15.58
CA GLU A 114 3.59 3.79 16.86
C GLU A 114 3.20 2.43 17.41
N GLY A 115 2.00 1.97 17.05
CA GLY A 115 1.63 0.60 17.29
C GLY A 115 0.66 0.37 18.44
N ILE A 116 0.42 -0.91 18.68
CA ILE A 116 -0.52 -1.39 19.70
C ILE A 116 0.33 -2.02 20.78
N ASP A 117 -0.02 -1.78 22.05
CA ASP A 117 0.64 -2.43 23.18
C ASP A 117 0.94 -3.88 22.84
N GLN A 118 2.20 -4.29 23.00
CA GLN A 118 2.64 -5.60 22.50
C GLN A 118 1.91 -6.76 23.17
N ARG A 119 1.36 -6.53 24.36
CA ARG A 119 0.67 -7.60 25.07
C ARG A 119 -0.60 -8.05 24.34
N VAL A 120 -1.21 -7.14 23.57
CA VAL A 120 -2.38 -7.52 22.78
C VAL A 120 -2.08 -8.68 21.84
N ALA A 121 -1.05 -8.53 21.01
CA ALA A 121 -0.70 -9.58 20.04
C ALA A 121 -0.15 -10.80 20.75
N ASP A 122 0.63 -10.58 21.80
CA ASP A 122 1.21 -11.69 22.54
C ASP A 122 0.12 -12.55 23.20
N ASP A 123 -0.90 -11.89 23.75
CA ASP A 123 -2.01 -12.59 24.36
C ASP A 123 -2.81 -13.33 23.29
N ALA A 124 -3.13 -12.62 22.20
CA ALA A 124 -3.89 -13.24 21.11
C ALA A 124 -3.18 -14.49 20.56
N ALA A 125 -1.85 -14.44 20.50
CA ALA A 125 -1.08 -15.58 19.94
C ALA A 125 -1.09 -16.82 20.81
N THR A 126 -1.62 -16.74 22.02
CA THR A 126 -1.76 -17.94 22.85
C THR A 126 -3.06 -18.72 22.52
N ARG A 127 -3.91 -18.16 21.67
CA ARG A 127 -5.21 -18.75 21.34
C ARG A 127 -5.48 -18.86 19.85
N MET A 128 -4.74 -18.11 19.07
CA MET A 128 -5.01 -18.02 17.63
C MET A 128 -3.73 -17.68 16.87
N ARG A 129 -3.75 -17.81 15.53
CA ARG A 129 -2.58 -17.44 14.73
C ARG A 129 -2.51 -15.91 14.55
N VAL A 130 -1.35 -15.33 14.78
CA VAL A 130 -1.18 -13.88 14.66
C VAL A 130 -0.04 -13.60 13.69
N ARG A 131 -0.25 -12.64 12.79
CA ARG A 131 0.78 -12.30 11.81
C ARG A 131 1.00 -10.80 11.76
N GLU A 132 2.16 -10.36 12.20
CA GLU A 132 2.47 -8.94 12.08
C GLU A 132 3.22 -8.75 10.75
N VAL A 133 2.73 -7.86 9.89
CA VAL A 133 3.32 -7.75 8.55
C VAL A 133 3.46 -6.31 8.09
N SER A 134 4.53 -6.04 7.31
CA SER A 134 4.73 -4.73 6.68
CA SER A 134 4.72 -4.74 6.68
C SER A 134 4.54 -4.83 5.17
N ILE A 135 3.72 -3.94 4.60
CA ILE A 135 3.54 -3.91 3.15
C ILE A 135 4.67 -3.18 2.43
N GLY A 136 5.58 -2.55 3.18
CA GLY A 136 6.71 -1.86 2.58
C GLY A 136 7.50 -1.01 3.57
N ASP A 137 8.64 -0.49 3.10
CA ASP A 137 9.55 0.19 4.02
C ASP A 137 9.43 1.71 3.98
N TYR A 138 8.25 2.18 3.60
CA TYR A 138 7.91 3.58 3.72
C TYR A 138 7.05 3.68 4.97
N VAL A 139 6.84 4.91 5.45
CA VAL A 139 6.10 5.11 6.69
C VAL A 139 4.74 5.73 6.43
N LEU A 140 3.68 5.06 6.90
CA LEU A 140 2.32 5.59 6.84
C LEU A 140 1.97 6.07 8.24
N ASN A 141 0.92 6.88 8.36
CA ASN A 141 0.49 7.32 9.68
C ASN A 141 -0.31 6.26 10.42
N GLY A 142 -1.02 5.42 9.67
CA GLY A 142 -1.87 4.41 10.25
C GLY A 142 -1.95 3.21 9.34
N GLY A 143 -2.43 2.10 9.86
CA GLY A 143 -2.47 0.85 9.09
C GLY A 143 -3.61 0.70 8.11
N GLU A 144 -4.50 1.71 8.03
CA GLU A 144 -5.66 1.59 7.15
C GLU A 144 -5.30 1.38 5.68
N ALA A 145 -4.37 2.16 5.14
CA ALA A 145 -3.96 1.96 3.74
C ALA A 145 -3.33 0.59 3.54
N ALA A 146 -2.55 0.15 4.53
CA ALA A 146 -1.97 -1.20 4.46
C ALA A 146 -3.04 -2.29 4.46
N ALA A 147 -4.10 -2.09 5.25
CA ALA A 147 -5.22 -3.03 5.25
C ALA A 147 -5.87 -3.12 3.88
N LEU A 148 -6.03 -1.97 3.23
CA LEU A 148 -6.59 -1.92 1.88
C LEU A 148 -5.74 -2.73 0.90
N VAL A 149 -4.43 -2.57 1.01
CA VAL A 149 -3.51 -3.26 0.11
C VAL A 149 -3.62 -4.77 0.33
N ILE A 150 -3.68 -5.15 1.60
CA ILE A 150 -3.75 -6.56 1.96
C ILE A 150 -5.06 -7.18 1.47
N ILE A 151 -6.15 -6.46 1.68
CA ILE A 151 -7.48 -6.98 1.31
C ILE A 151 -7.52 -7.20 -0.19
N GLU A 152 -6.99 -6.23 -0.92
CA GLU A 152 -7.02 -6.34 -2.38
C GLU A 152 -6.13 -7.49 -2.89
N ALA A 153 -4.93 -7.62 -2.33
CA ALA A 153 -4.00 -8.64 -2.78
C ALA A 153 -4.55 -10.03 -2.47
N VAL A 154 -5.22 -10.16 -1.34
CA VAL A 154 -5.77 -11.46 -0.94
C VAL A 154 -7.03 -11.82 -1.75
N LEU A 155 -7.98 -10.90 -1.83
CA LEU A 155 -9.28 -11.22 -2.41
C LEU A 155 -9.23 -11.48 -3.92
N ARG A 156 -8.25 -10.91 -4.62
CA ARG A 156 -8.19 -11.18 -6.05
C ARG A 156 -7.70 -12.60 -6.29
N LEU A 157 -7.18 -13.26 -5.25
CA LEU A 157 -6.79 -14.66 -5.34
C LEU A 157 -7.91 -15.61 -4.91
N VAL A 158 -9.02 -15.06 -4.42
CA VAL A 158 -10.16 -15.90 -4.11
C VAL A 158 -11.02 -16.03 -5.35
N PRO A 159 -11.09 -17.24 -5.91
CA PRO A 159 -11.82 -17.46 -7.15
C PRO A 159 -13.26 -16.94 -7.06
N GLY A 160 -13.64 -16.05 -7.97
CA GLY A 160 -15.00 -15.56 -8.00
C GLY A 160 -15.04 -14.05 -8.07
N VAL A 161 -14.02 -13.43 -7.50
CA VAL A 161 -13.85 -12.00 -7.60
C VAL A 161 -13.29 -11.67 -8.98
N LEU A 162 -12.60 -12.64 -9.57
CA LEU A 162 -12.07 -12.55 -10.94
C LEU A 162 -11.13 -11.36 -11.12
N SER A 179 10.75 -13.10 -9.56
CA SER A 179 11.12 -13.57 -10.89
C SER A 179 11.74 -12.46 -11.73
N LEU A 180 11.01 -12.02 -12.74
CA LEU A 180 11.43 -10.91 -13.59
C LEU A 180 10.27 -9.94 -13.76
N LEU A 181 10.57 -8.69 -14.05
CA LEU A 181 9.53 -7.69 -14.28
C LEU A 181 8.87 -7.87 -15.63
N GLU A 182 7.60 -7.50 -15.73
CA GLU A 182 6.94 -7.43 -17.03
C GLU A 182 7.50 -6.27 -17.83
N GLY A 183 7.71 -6.48 -19.13
CA GLY A 183 8.24 -5.44 -19.99
C GLY A 183 7.13 -4.59 -20.55
N PRO A 184 7.45 -3.71 -21.51
CA PRO A 184 6.42 -2.79 -22.01
C PRO A 184 5.30 -3.48 -22.77
N SER A 185 4.11 -2.88 -22.73
CA SER A 185 2.97 -3.40 -23.47
CA SER A 185 2.98 -3.42 -23.49
C SER A 185 2.44 -2.32 -24.40
N TYR A 186 1.72 -2.73 -25.43
CA TYR A 186 1.24 -1.81 -26.45
C TYR A 186 -0.12 -2.23 -26.96
N THR A 187 -0.92 -1.26 -27.41
CA THR A 187 -2.17 -1.60 -28.09
C THR A 187 -2.41 -0.56 -29.18
N ARG A 188 -3.59 -0.60 -29.81
CA ARG A 188 -3.89 0.31 -30.92
C ARG A 188 -3.83 1.76 -30.46
N PRO A 189 -3.45 2.68 -31.36
CA PRO A 189 -3.09 2.50 -32.77
C PRO A 189 -1.60 2.15 -32.96
N PRO A 190 -1.21 1.62 -34.14
CA PRO A 190 0.16 1.13 -34.37
C PRO A 190 1.18 2.25 -34.31
N SER A 191 0.73 3.46 -34.58
CA SER A 191 1.60 4.62 -34.54
C SER A 191 0.89 5.70 -33.78
N TRP A 192 1.52 6.26 -32.75
CA TRP A 192 0.88 7.27 -31.90
C TRP A 192 1.89 8.33 -31.48
N ARG A 193 1.63 9.58 -31.83
CA ARG A 193 2.49 10.70 -31.53
C ARG A 193 3.95 10.43 -31.91
N GLY A 194 4.16 9.86 -33.10
CA GLY A 194 5.50 9.68 -33.63
C GLY A 194 6.21 8.42 -33.16
N MET A 195 5.54 7.60 -32.35
CA MET A 195 6.11 6.35 -31.85
C MET A 195 5.34 5.14 -32.36
N ASP A 196 6.06 4.20 -32.98
CA ASP A 196 5.46 2.98 -33.51
C ASP A 196 5.55 1.83 -32.50
N VAL A 197 4.55 0.97 -32.50
CA VAL A 197 4.62 -0.28 -31.76
C VAL A 197 5.79 -1.09 -32.33
N PRO A 198 6.63 -1.70 -31.47
CA PRO A 198 7.74 -2.51 -32.00
C PRO A 198 7.27 -3.54 -33.03
N PRO A 199 7.85 -3.52 -34.24
CA PRO A 199 7.34 -4.33 -35.36
C PRO A 199 7.31 -5.83 -35.05
N VAL A 200 8.21 -6.31 -34.21
CA VAL A 200 8.22 -7.74 -33.88
C VAL A 200 6.86 -8.20 -33.35
N LEU A 201 6.15 -7.31 -32.65
CA LEU A 201 4.88 -7.65 -32.04
C LEU A 201 3.81 -7.91 -33.09
N LEU A 202 4.04 -7.41 -34.31
CA LEU A 202 3.11 -7.57 -35.41
C LEU A 202 3.60 -8.64 -36.38
N SER A 203 4.68 -9.33 -36.02
CA SER A 203 5.33 -10.24 -36.97
C SER A 203 4.60 -11.55 -37.18
N GLY A 204 3.78 -11.98 -36.23
CA GLY A 204 3.19 -13.30 -36.32
C GLY A 204 4.22 -14.41 -36.08
N ASP A 205 5.38 -14.05 -35.54
CA ASP A 205 6.39 -15.05 -35.15
C ASP A 205 6.38 -15.16 -33.64
N HIS A 206 5.58 -16.09 -33.11
CA HIS A 206 5.28 -16.03 -31.69
C HIS A 206 6.40 -16.54 -30.78
N ALA A 207 7.27 -17.41 -31.30
CA ALA A 207 8.48 -17.77 -30.56
C ALA A 207 9.40 -16.56 -30.46
N LYS A 208 9.57 -15.84 -31.56
CA LYS A 208 10.41 -14.64 -31.54
C LYS A 208 9.86 -13.56 -30.62
N ILE A 209 8.54 -13.38 -30.64
CA ILE A 209 7.90 -12.42 -29.73
C ILE A 209 8.16 -12.76 -28.28
N ALA A 210 8.07 -14.04 -27.93
CA ALA A 210 8.37 -14.46 -26.56
C ALA A 210 9.82 -14.14 -26.18
N ALA A 211 10.76 -14.42 -27.08
CA ALA A 211 12.17 -14.12 -26.81
C ALA A 211 12.39 -12.62 -26.65
N TRP A 212 11.80 -11.84 -27.54
CA TRP A 212 11.92 -10.37 -27.43
C TRP A 212 11.40 -9.87 -26.08
N ARG A 213 10.24 -10.36 -25.67
CA ARG A 213 9.66 -9.98 -24.39
C ARG A 213 10.52 -10.40 -23.21
N ALA A 214 11.13 -11.57 -23.33
CA ALA A 214 12.03 -12.05 -22.28
C ALA A 214 13.26 -11.16 -22.15
N GLU A 215 13.79 -10.71 -23.28
CA GLU A 215 14.93 -9.79 -23.27
C GLU A 215 14.52 -8.41 -22.74
N GLN A 216 13.32 -7.95 -23.10
CA GLN A 216 12.81 -6.69 -22.56
C GLN A 216 12.69 -6.77 -21.04
N SER A 217 12.21 -7.92 -20.57
CA SER A 217 12.06 -8.18 -19.15
CA SER A 217 12.06 -8.15 -19.14
C SER A 217 13.42 -8.16 -18.44
N ARG A 218 14.38 -8.84 -19.03
CA ARG A 218 15.74 -8.87 -18.48
C ARG A 218 16.30 -7.47 -18.32
N GLN A 219 16.17 -6.66 -19.36
CA GLN A 219 16.72 -5.31 -19.37
C GLN A 219 16.05 -4.43 -18.32
N ARG A 220 14.74 -4.56 -18.20
CA ARG A 220 13.99 -3.70 -17.30
C ARG A 220 14.28 -4.07 -15.85
N THR A 221 14.38 -5.38 -15.60
CA THR A 221 14.70 -5.87 -14.27
C THR A 221 16.08 -5.40 -13.85
N ILE A 222 17.07 -5.55 -14.73
CA ILE A 222 18.42 -5.05 -14.47
C ILE A 222 18.42 -3.57 -14.11
N GLU A 223 17.67 -2.79 -14.89
CA GLU A 223 17.59 -1.36 -14.68
C GLU A 223 16.80 -0.96 -13.40
N ARG A 224 15.64 -1.58 -13.17
CA ARG A 224 14.78 -1.08 -12.09
C ARG A 224 14.82 -1.89 -10.80
N ARG A 225 15.05 -3.19 -10.91
CA ARG A 225 15.00 -4.07 -9.74
C ARG A 225 16.16 -5.08 -9.75
N PRO A 226 17.41 -4.59 -9.68
CA PRO A 226 18.54 -5.52 -9.72
C PRO A 226 18.56 -6.48 -8.53
N ASP A 227 17.82 -6.14 -7.47
CA ASP A 227 17.70 -7.01 -6.31
C ASP A 227 17.03 -8.33 -6.66
N LEU A 228 16.20 -8.33 -7.70
CA LEU A 228 15.49 -9.54 -8.10
C LEU A 228 16.40 -10.55 -8.77
N LEU A 229 17.61 -10.14 -9.11
CA LEU A 229 18.57 -11.04 -9.75
C LEU A 229 19.64 -11.48 -8.76
N SER B 2 2.33 24.11 0.12
CA SER B 2 1.20 24.09 -0.79
C SER B 2 1.47 23.17 -1.99
N MET B 3 0.92 21.96 -1.91
CA MET B 3 1.14 20.95 -2.93
C MET B 3 -0.19 20.64 -3.61
N LYS B 4 -0.13 20.36 -4.90
CA LYS B 4 -1.31 19.92 -5.65
C LYS B 4 -1.12 18.47 -6.06
N ILE B 5 -2.10 17.62 -5.76
CA ILE B 5 -2.08 16.25 -6.24
C ILE B 5 -3.32 16.00 -7.09
N ASP B 6 -3.10 15.56 -8.33
CA ASP B 6 -4.17 15.10 -9.21
C ASP B 6 -4.06 13.59 -9.35
N VAL B 7 -5.18 12.88 -9.19
CA VAL B 7 -5.21 11.44 -9.41
C VAL B 7 -6.12 11.12 -10.58
N VAL B 8 -5.65 10.32 -11.53
CA VAL B 8 -6.48 9.98 -12.66
C VAL B 8 -6.74 8.49 -12.64
N THR B 9 -8.02 8.12 -12.72
CA THR B 9 -8.44 6.75 -12.49
C THR B 9 -9.79 6.49 -13.17
N ILE B 10 -10.10 5.22 -13.43
CA ILE B 10 -11.46 4.86 -13.86
C ILE B 10 -12.34 4.47 -12.66
N PHE B 11 -11.78 4.60 -11.45
CA PHE B 11 -12.56 4.35 -10.25
C PHE B 11 -12.42 5.51 -9.25
N PRO B 12 -12.96 6.69 -9.59
CA PRO B 12 -12.79 7.88 -8.74
C PRO B 12 -13.41 7.75 -7.34
N GLU B 13 -14.49 7.00 -7.21
CA GLU B 13 -15.11 6.82 -5.90
C GLU B 13 -14.24 6.00 -4.95
N TYR B 14 -13.33 5.19 -5.50
CA TYR B 14 -12.42 4.39 -4.72
C TYR B 14 -11.31 5.22 -4.08
N LEU B 15 -11.09 6.43 -4.60
CA LEU B 15 -10.06 7.30 -4.01
C LEU B 15 -10.62 8.12 -2.84
N GLN B 16 -11.89 7.89 -2.51
CA GLN B 16 -12.54 8.56 -1.37
C GLN B 16 -11.89 8.39 0.02
N PRO B 17 -11.22 7.25 0.32
CA PRO B 17 -10.54 7.17 1.62
C PRO B 17 -9.47 8.26 1.83
N VAL B 18 -9.09 8.96 0.76
CA VAL B 18 -8.24 10.15 0.85
C VAL B 18 -8.79 11.17 1.83
N ARG B 19 -10.11 11.22 1.91
CA ARG B 19 -10.79 12.18 2.74
C ARG B 19 -10.71 12.02 4.26
N GLN B 20 -9.87 10.98 4.74
CA GLN B 20 -9.82 11.02 6.19
C GLN B 20 -8.39 10.85 6.62
N SER B 21 -8.34 10.50 7.83
CA SER B 21 -6.99 10.32 8.30
C SER B 21 -6.09 11.47 7.93
N LEU B 22 -4.80 11.19 7.89
CA LEU B 22 -3.79 12.18 7.62
C LEU B 22 -4.06 12.99 6.38
N PRO B 23 -4.36 12.34 5.27
CA PRO B 23 -4.64 13.16 4.08
C PRO B 23 -5.84 14.11 4.21
N GLY B 24 -6.92 13.68 4.86
CA GLY B 24 -8.07 14.54 5.07
C GLY B 24 -7.76 15.78 5.89
N LYS B 25 -6.97 15.59 6.94
CA LYS B 25 -6.59 16.71 7.79
C LYS B 25 -5.72 17.69 7.00
N ALA B 26 -4.81 17.16 6.19
CA ALA B 26 -3.93 18.00 5.38
C ALA B 26 -4.73 18.85 4.39
N ILE B 27 -5.71 18.23 3.74
CA ILE B 27 -6.59 18.94 2.81
C ILE B 27 -7.40 20.01 3.54
N ASP B 28 -7.99 19.62 4.66
CA ASP B 28 -8.82 20.53 5.45
C ASP B 28 -8.03 21.74 5.92
N ALA B 29 -6.74 21.53 6.20
CA ALA B 29 -5.86 22.61 6.67
C ALA B 29 -5.27 23.42 5.50
N GLY B 30 -5.59 23.02 4.28
CA GLY B 30 -5.17 23.76 3.09
C GLY B 30 -3.71 23.61 2.70
N LEU B 31 -3.05 22.58 3.22
CA LEU B 31 -1.64 22.38 2.90
C LEU B 31 -1.47 21.66 1.57
N VAL B 32 -2.47 20.86 1.22
CA VAL B 32 -2.50 20.15 -0.04
C VAL B 32 -3.91 20.23 -0.60
N ASP B 33 -4.01 20.17 -1.92
CA ASP B 33 -5.31 20.00 -2.56
C ASP B 33 -5.25 18.75 -3.41
N VAL B 34 -6.18 17.83 -3.15
CA VAL B 34 -6.25 16.58 -3.91
C VAL B 34 -7.48 16.56 -4.82
N ALA B 35 -7.25 16.37 -6.12
CA ALA B 35 -8.35 16.33 -7.07
C ALA B 35 -8.30 15.00 -7.80
N VAL B 36 -9.47 14.36 -7.94
CA VAL B 36 -9.55 13.03 -8.53
C VAL B 36 -10.33 13.11 -9.83
N HIS B 37 -9.78 12.58 -10.91
CA HIS B 37 -10.42 12.72 -12.21
C HIS B 37 -10.78 11.37 -12.79
N ASP B 38 -11.99 11.26 -13.32
CA ASP B 38 -12.43 10.07 -14.02
C ASP B 38 -11.80 10.05 -15.41
N LEU B 39 -10.95 9.07 -15.67
CA LEU B 39 -10.30 8.94 -16.98
C LEU B 39 -11.28 8.97 -18.15
N ARG B 40 -12.46 8.36 -17.97
CA ARG B 40 -13.46 8.27 -19.05
C ARG B 40 -13.96 9.64 -19.52
N ARG B 41 -13.68 10.68 -18.76
CA ARG B 41 -13.95 12.06 -19.18
C ARG B 41 -13.26 12.40 -20.50
N TRP B 42 -12.17 11.70 -20.82
CA TRP B 42 -11.40 12.00 -22.02
C TRP B 42 -11.64 11.00 -23.15
N THR B 43 -12.68 10.20 -23.02
CA THR B 43 -13.10 9.32 -24.10
C THR B 43 -14.12 10.03 -24.99
N HIS B 44 -14.23 9.62 -26.25
CA HIS B 44 -15.17 10.27 -27.15
C HIS B 44 -16.13 9.29 -27.83
N ASP B 45 -15.84 8.00 -27.74
CA ASP B 45 -16.77 6.99 -28.22
C ASP B 45 -17.90 6.82 -27.21
N VAL B 46 -19.02 6.25 -27.65
CA VAL B 46 -20.21 6.16 -26.81
C VAL B 46 -20.09 5.09 -25.71
N HIS B 47 -19.08 4.22 -25.83
CA HIS B 47 -18.91 3.13 -24.88
C HIS B 47 -17.84 3.42 -23.83
N LYS B 48 -17.19 4.58 -23.98
CA LYS B 48 -16.16 5.04 -23.04
C LYS B 48 -15.00 4.05 -22.89
N SER B 49 -14.55 3.49 -24.00
CA SER B 49 -13.53 2.43 -23.98
C SER B 49 -12.15 2.98 -23.63
N VAL B 50 -11.53 2.41 -22.59
CA VAL B 50 -10.22 2.85 -22.16
C VAL B 50 -9.15 1.80 -22.40
N ASP B 51 -9.55 0.61 -22.84
CA ASP B 51 -8.61 -0.50 -22.97
C ASP B 51 -8.76 -1.26 -24.28
N ASP B 52 -7.76 -2.06 -24.64
CA ASP B 52 -7.85 -2.86 -25.87
C ASP B 52 -6.87 -4.02 -25.74
N SER B 53 -6.97 -5.01 -26.62
CA SER B 53 -6.09 -6.16 -26.52
C SER B 53 -4.64 -5.79 -26.88
N PRO B 54 -3.66 -6.49 -26.26
CA PRO B 54 -2.26 -6.15 -26.49
C PRO B 54 -1.74 -6.61 -27.87
N TYR B 55 -0.93 -5.77 -28.50
CA TYR B 55 -0.17 -6.21 -29.67
C TYR B 55 0.77 -7.34 -29.24
N GLY B 56 0.91 -8.35 -30.09
CA GLY B 56 1.84 -9.41 -29.78
C GLY B 56 1.17 -10.52 -29.00
N GLY B 57 -0.02 -10.24 -28.48
CA GLY B 57 -0.79 -11.25 -27.80
C GLY B 57 -0.53 -11.26 -26.30
N GLY B 58 -1.22 -12.15 -25.60
CA GLY B 58 -1.06 -12.25 -24.17
C GLY B 58 -2.39 -12.07 -23.50
N PRO B 59 -2.46 -12.39 -22.21
CA PRO B 59 -3.75 -12.28 -21.54
C PRO B 59 -4.05 -10.85 -21.14
N GLY B 60 -5.32 -10.53 -21.06
CA GLY B 60 -5.71 -9.23 -20.56
C GLY B 60 -5.76 -8.12 -21.59
N MET B 61 -5.92 -6.91 -21.08
CA MET B 61 -6.08 -5.74 -21.92
C MET B 61 -5.03 -4.73 -21.49
N VAL B 62 -4.76 -3.78 -22.38
CA VAL B 62 -3.83 -2.70 -22.13
C VAL B 62 -4.59 -1.38 -22.25
N MET B 63 -4.33 -0.43 -21.38
CA MET B 63 -5.05 0.84 -21.49
C MET B 63 -4.53 1.61 -22.70
N LYS B 64 -5.48 2.19 -23.44
CA LYS B 64 -5.21 2.88 -24.69
C LYS B 64 -4.40 4.15 -24.46
N PRO B 65 -3.40 4.40 -25.31
CA PRO B 65 -2.59 5.61 -25.18
C PRO B 65 -3.37 6.89 -25.52
N THR B 66 -4.32 6.80 -26.44
CA THR B 66 -5.03 8.02 -26.88
C THR B 66 -5.72 8.75 -25.74
N VAL B 67 -6.44 8.00 -24.92
CA VAL B 67 -7.20 8.56 -23.81
C VAL B 67 -6.28 9.15 -22.74
N TRP B 68 -5.25 8.39 -22.38
CA TRP B 68 -4.27 8.85 -21.39
C TRP B 68 -3.51 10.09 -21.86
N GLY B 69 -3.14 10.10 -23.13
CA GLY B 69 -2.50 11.26 -23.73
C GLY B 69 -3.32 12.52 -23.58
N ASP B 70 -4.60 12.43 -23.89
CA ASP B 70 -5.49 13.59 -23.79
C ASP B 70 -5.65 14.01 -22.33
N ALA B 71 -5.85 13.03 -21.45
CA ALA B 71 -5.96 13.32 -20.03
C ALA B 71 -4.75 14.09 -19.52
N LEU B 72 -3.56 13.56 -19.78
CA LEU B 72 -2.33 14.12 -19.24
C LEU B 72 -1.98 15.46 -19.90
N ASP B 73 -2.36 15.62 -21.17
CA ASP B 73 -2.20 16.90 -21.87
C ASP B 73 -2.85 18.03 -21.09
N GLU B 74 -4.05 17.74 -20.57
CA GLU B 74 -4.85 18.75 -19.90
C GLU B 74 -4.39 19.00 -18.46
N ILE B 75 -4.01 17.92 -17.78
CA ILE B 75 -3.73 17.96 -16.35
C ILE B 75 -2.28 18.34 -16.02
N CYS B 76 -1.33 17.91 -16.86
CA CYS B 76 0.09 18.09 -16.57
C CYS B 76 0.71 19.36 -17.14
N THR B 77 1.73 19.88 -16.45
CA THR B 77 2.60 20.89 -17.03
C THR B 77 4.04 20.37 -17.02
N SER B 78 4.98 21.19 -17.49
CA SER B 78 6.38 20.77 -17.53
C SER B 78 6.99 20.61 -16.13
N GLU B 79 6.37 21.22 -15.12
CA GLU B 79 6.86 21.14 -13.75
C GLU B 79 6.27 19.95 -13.00
N THR B 80 5.33 19.28 -13.63
CA THR B 80 4.66 18.16 -13.01
C THR B 80 5.58 16.97 -12.81
N LEU B 81 5.46 16.32 -11.67
CA LEU B 81 6.03 15.00 -11.50
C LEU B 81 4.94 13.96 -11.73
N LEU B 82 5.07 13.22 -12.83
CA LEU B 82 4.09 12.19 -13.16
C LEU B 82 4.49 10.87 -12.52
N VAL B 83 3.62 10.39 -11.63
CA VAL B 83 3.83 9.15 -10.91
C VAL B 83 2.92 8.08 -11.50
N VAL B 84 3.51 6.96 -11.89
CA VAL B 84 2.74 5.85 -12.46
C VAL B 84 2.96 4.62 -11.60
N PRO B 85 2.00 4.31 -10.72
CA PRO B 85 2.20 3.08 -9.96
C PRO B 85 2.15 1.88 -10.90
N THR B 86 2.90 0.88 -10.76
CA THR B 86 3.15 -0.32 -11.57
C THR B 86 4.05 -1.27 -10.83
N PRO B 87 3.57 -2.57 -11.00
CA PRO B 87 4.36 -3.68 -10.45
C PRO B 87 5.76 -3.75 -11.07
N ALA B 88 5.96 -3.11 -12.21
CA ALA B 88 7.27 -3.18 -12.88
C ALA B 88 8.09 -1.92 -12.64
N GLY B 89 7.69 -1.13 -11.64
CA GLY B 89 8.32 0.15 -11.38
C GLY B 89 9.59 0.03 -10.56
N TYR B 90 10.33 1.13 -10.45
CA TYR B 90 11.39 1.26 -9.44
C TYR B 90 10.76 1.18 -8.05
N PRO B 91 11.48 0.68 -7.04
CA PRO B 91 10.84 0.66 -5.71
C PRO B 91 10.48 2.05 -5.17
N PHE B 92 9.25 2.18 -4.66
CA PHE B 92 8.88 3.38 -3.89
C PHE B 92 9.36 3.20 -2.44
N THR B 93 10.31 4.02 -1.99
CA THR B 93 10.82 3.88 -0.63
C THR B 93 10.56 5.13 0.21
N GLN B 94 10.96 5.07 1.48
CA GLN B 94 10.88 6.26 2.34
C GLN B 94 11.71 7.40 1.77
N GLU B 95 12.81 7.08 1.09
CA GLU B 95 13.62 8.14 0.48
C GLU B 95 12.83 8.80 -0.64
N THR B 96 12.11 8.00 -1.42
CA THR B 96 11.24 8.53 -2.47
C THR B 96 10.20 9.46 -1.87
N ALA B 97 9.62 9.04 -0.74
CA ALA B 97 8.60 9.82 -0.07
C ALA B 97 9.15 11.18 0.36
N TRP B 98 10.35 11.19 0.95
CA TRP B 98 10.99 12.46 1.32
C TRP B 98 11.22 13.34 0.09
N GLN B 99 11.69 12.72 -0.99
CA GLN B 99 11.99 13.47 -2.20
C GLN B 99 10.73 14.12 -2.78
N TRP B 100 9.64 13.36 -2.88
CA TRP B 100 8.41 13.89 -3.48
C TRP B 100 7.66 14.88 -2.56
N SER B 101 8.03 14.89 -1.27
CA SER B 101 7.32 15.72 -0.29
C SER B 101 7.58 17.21 -0.53
N THR B 102 8.59 17.54 -1.32
CA THR B 102 8.90 18.93 -1.62
C THR B 102 8.44 19.35 -3.02
N GLU B 103 7.69 18.48 -3.70
CA GLU B 103 7.17 18.79 -5.04
C GLU B 103 5.94 19.68 -5.03
N ASP B 104 5.84 20.59 -6.00
CA ASP B 104 4.65 21.45 -6.11
C ASP B 104 3.46 20.68 -6.72
N HIS B 105 3.74 19.72 -7.60
CA HIS B 105 2.63 19.12 -8.33
C HIS B 105 2.87 17.66 -8.69
N LEU B 106 2.10 16.78 -8.06
CA LEU B 106 2.12 15.36 -8.38
C LEU B 106 0.88 14.97 -9.17
N VAL B 107 1.06 14.28 -10.28
CA VAL B 107 -0.05 13.66 -10.99
C VAL B 107 0.14 12.16 -10.91
N ILE B 108 -0.87 11.47 -10.39
CA ILE B 108 -0.79 10.01 -10.23
C ILE B 108 -1.76 9.35 -11.20
N ALA B 109 -1.20 8.56 -12.11
CA ALA B 109 -1.98 7.87 -13.13
C ALA B 109 -2.16 6.41 -12.74
N CYS B 110 -3.40 6.03 -12.45
CA CYS B 110 -3.73 4.69 -11.98
C CYS B 110 -4.25 3.84 -13.13
N GLY B 111 -3.57 2.73 -13.38
CA GLY B 111 -4.03 1.79 -14.38
C GLY B 111 -4.30 0.44 -13.73
N ARG B 112 -4.79 -0.50 -14.52
CA ARG B 112 -4.84 -1.90 -14.06
C ARG B 112 -3.43 -2.53 -14.03
N TYR B 113 -3.32 -3.70 -13.42
CA TYR B 113 -2.05 -4.42 -13.31
C TYR B 113 -1.38 -4.59 -14.67
N GLU B 114 -2.19 -5.02 -15.63
CA GLU B 114 -1.75 -5.26 -17.01
C GLU B 114 -1.01 -4.05 -17.55
N GLY B 115 -1.54 -2.87 -17.29
CA GLY B 115 -0.79 -1.66 -17.50
C GLY B 115 -1.31 -0.76 -18.60
N ILE B 116 -0.57 0.32 -18.78
CA ILE B 116 -0.83 1.35 -19.76
C ILE B 116 0.18 1.22 -20.88
N ASP B 117 -0.28 1.38 -22.12
CA ASP B 117 0.59 1.43 -23.30
C ASP B 117 1.87 2.22 -22.98
N GLN B 118 3.04 1.63 -23.28
CA GLN B 118 4.31 2.21 -22.84
C GLN B 118 4.54 3.60 -23.38
N ARG B 119 3.91 3.88 -24.53
CA ARG B 119 4.14 5.13 -25.23
C ARG B 119 3.62 6.33 -24.45
N VAL B 120 2.68 6.12 -23.53
CA VAL B 120 2.17 7.23 -22.71
C VAL B 120 3.27 7.82 -21.84
N ALA B 121 3.95 6.96 -21.08
CA ALA B 121 5.10 7.36 -20.27
C ALA B 121 6.25 7.90 -21.13
N ASP B 122 6.52 7.26 -22.27
CA ASP B 122 7.56 7.72 -23.19
C ASP B 122 7.27 9.14 -23.69
N ASP B 123 6.02 9.37 -24.06
CA ASP B 123 5.59 10.66 -24.59
C ASP B 123 5.65 11.73 -23.50
N ALA B 124 5.16 11.37 -22.31
CA ALA B 124 5.14 12.34 -21.20
C ALA B 124 6.55 12.76 -20.79
N ALA B 125 7.50 11.82 -20.86
CA ALA B 125 8.88 12.09 -20.45
C ALA B 125 9.57 13.11 -21.34
N THR B 126 9.02 13.36 -22.53
CA THR B 126 9.54 14.42 -23.39
C THR B 126 9.17 15.82 -22.91
N ARG B 127 8.29 15.89 -21.91
CA ARG B 127 7.61 17.12 -21.48
CA ARG B 127 7.90 17.24 -21.48
C ARG B 127 7.79 17.40 -19.97
N MET B 128 7.93 16.32 -19.21
CA MET B 128 7.93 16.40 -17.75
C MET B 128 8.75 15.24 -17.16
N ARG B 129 9.01 15.27 -15.86
CA ARG B 129 9.66 14.12 -15.20
C ARG B 129 8.63 13.02 -14.92
N VAL B 130 9.01 11.78 -15.18
CA VAL B 130 8.09 10.65 -15.06
C VAL B 130 8.70 9.59 -14.15
N ARG B 131 7.94 9.09 -13.19
CA ARG B 131 8.45 8.04 -12.31
C ARG B 131 7.49 6.87 -12.21
N GLU B 132 7.91 5.72 -12.69
CA GLU B 132 7.10 4.51 -12.52
C GLU B 132 7.61 3.78 -11.28
N VAL B 133 6.71 3.52 -10.34
CA VAL B 133 7.15 2.97 -9.06
C VAL B 133 6.25 1.84 -8.57
N SER B 134 6.88 0.92 -7.86
CA SER B 134 6.17 -0.20 -7.24
C SER B 134 6.19 -0.03 -5.74
N ILE B 135 5.03 -0.08 -5.10
CA ILE B 135 5.00 -0.01 -3.65
C ILE B 135 5.28 -1.37 -2.99
N GLY B 136 5.36 -2.43 -3.80
CA GLY B 136 5.62 -3.74 -3.20
C GLY B 136 5.49 -4.88 -4.19
N ASP B 137 5.93 -6.07 -3.79
CA ASP B 137 5.95 -7.21 -4.70
C ASP B 137 4.78 -8.17 -4.54
N TYR B 138 3.68 -7.65 -4.02
CA TYR B 138 2.40 -8.32 -4.06
C TYR B 138 1.67 -7.76 -5.27
N VAL B 139 0.60 -8.43 -5.67
CA VAL B 139 -0.13 -8.03 -6.87
C VAL B 139 -1.50 -7.43 -6.54
N LEU B 140 -1.72 -6.17 -6.95
CA LEU B 140 -3.03 -5.54 -6.83
C LEU B 140 -3.78 -5.61 -8.16
N ASN B 141 -5.09 -5.41 -8.15
CA ASN B 141 -5.87 -5.36 -9.40
C ASN B 141 -5.62 -4.07 -10.18
N GLY B 142 -5.32 -2.99 -9.46
CA GLY B 142 -5.15 -1.69 -10.09
C GLY B 142 -4.28 -0.79 -9.24
N GLY B 143 -3.95 0.37 -9.78
CA GLY B 143 -3.03 1.29 -9.13
C GLY B 143 -3.63 2.15 -8.03
N GLU B 144 -4.95 2.04 -7.84
CA GLU B 144 -5.66 2.94 -6.93
C GLU B 144 -5.17 2.81 -5.47
N ALA B 145 -5.05 1.59 -4.97
CA ALA B 145 -4.58 1.38 -3.61
C ALA B 145 -3.13 1.86 -3.46
N ALA B 146 -2.33 1.66 -4.51
CA ALA B 146 -0.95 2.12 -4.48
C ALA B 146 -0.92 3.66 -4.39
N ALA B 147 -1.85 4.30 -5.11
CA ALA B 147 -1.98 5.75 -5.05
C ALA B 147 -2.26 6.25 -3.62
N LEU B 148 -3.18 5.58 -2.92
CA LEU B 148 -3.51 5.95 -1.54
C LEU B 148 -2.28 5.83 -0.63
N VAL B 149 -1.52 4.76 -0.81
CA VAL B 149 -0.28 4.53 -0.04
C VAL B 149 0.74 5.64 -0.31
N ILE B 150 0.98 5.93 -1.58
CA ILE B 150 1.93 6.98 -1.95
C ILE B 150 1.52 8.31 -1.37
N ILE B 151 0.23 8.63 -1.49
CA ILE B 151 -0.26 9.91 -0.98
C ILE B 151 -0.07 10.02 0.54
N GLU B 152 -0.41 8.96 1.25
CA GLU B 152 -0.26 9.00 2.70
C GLU B 152 1.20 9.11 3.12
N ALA B 153 2.08 8.37 2.46
CA ALA B 153 3.49 8.39 2.83
C ALA B 153 4.11 9.75 2.55
N VAL B 154 3.72 10.37 1.44
CA VAL B 154 4.24 11.69 1.07
C VAL B 154 3.67 12.83 1.91
N LEU B 155 2.35 12.85 2.10
CA LEU B 155 1.71 13.96 2.80
C LEU B 155 2.17 14.11 4.25
N ARG B 156 2.52 13.01 4.90
CA ARG B 156 2.90 13.15 6.31
C ARG B 156 4.30 13.79 6.44
N LEU B 157 5.02 13.93 5.33
CA LEU B 157 6.35 14.53 5.36
C LEU B 157 6.32 15.99 4.94
N VAL B 158 5.19 16.45 4.40
CA VAL B 158 5.11 17.81 3.88
C VAL B 158 5.25 18.80 5.02
N PRO B 159 6.09 19.85 4.83
CA PRO B 159 6.26 20.86 5.87
C PRO B 159 4.92 21.45 6.25
N GLY B 160 4.61 21.46 7.54
CA GLY B 160 3.33 21.98 7.98
C GLY B 160 2.40 20.90 8.47
N VAL B 161 2.57 19.68 7.96
CA VAL B 161 1.79 18.54 8.45
C VAL B 161 2.53 17.94 9.64
N LEU B 162 2.94 18.82 10.57
CA LEU B 162 3.82 18.46 11.68
C LEU B 162 5.09 17.77 11.17
N SER B 179 16.94 0.96 8.21
CA SER B 179 17.77 1.02 9.39
C SER B 179 17.51 -0.13 10.38
N LEU B 180 16.50 0.04 11.23
CA LEU B 180 16.25 -0.91 12.30
C LEU B 180 14.76 -0.90 12.64
N LEU B 181 14.19 -2.06 12.95
CA LEU B 181 12.76 -2.12 13.28
C LEU B 181 12.49 -1.58 14.67
N GLU B 182 11.35 -0.94 14.82
CA GLU B 182 10.86 -0.54 16.15
C GLU B 182 10.55 -1.79 16.97
N GLY B 183 10.99 -1.79 18.22
CA GLY B 183 10.73 -2.88 19.12
C GLY B 183 9.35 -2.69 19.73
N PRO B 184 8.99 -3.56 20.66
CA PRO B 184 7.65 -3.54 21.25
C PRO B 184 7.42 -2.29 22.10
N SER B 185 6.17 -1.81 22.11
CA SER B 185 5.79 -0.66 22.92
CA SER B 185 5.80 -0.66 22.94
C SER B 185 4.69 -1.04 23.91
N TYR B 186 4.57 -0.29 25.00
CA TYR B 186 3.59 -0.61 26.03
C TYR B 186 2.98 0.64 26.60
N THR B 187 1.77 0.52 27.15
CA THR B 187 1.18 1.63 27.89
C THR B 187 0.31 1.08 29.03
N ARG B 188 -0.39 1.95 29.73
CA ARG B 188 -1.09 1.53 30.93
C ARG B 188 -2.22 0.53 30.63
N PRO B 189 -2.50 -0.40 31.56
CA PRO B 189 -1.91 -0.58 32.89
C PRO B 189 -0.62 -1.40 32.88
N PRO B 190 0.18 -1.34 33.97
CA PRO B 190 1.49 -2.01 34.03
C PRO B 190 1.40 -3.53 34.05
N SER B 191 0.23 -4.07 34.44
CA SER B 191 -0.01 -5.51 34.36
C SER B 191 -1.38 -5.75 33.76
N TRP B 192 -1.45 -6.65 32.78
CA TRP B 192 -2.70 -6.88 32.06
C TRP B 192 -2.83 -8.33 31.65
N ARG B 193 -3.93 -8.97 32.04
CA ARG B 193 -4.15 -10.40 31.86
C ARG B 193 -2.96 -11.24 32.35
N GLY B 194 -2.33 -10.79 33.43
CA GLY B 194 -1.17 -11.50 33.97
C GLY B 194 0.11 -11.29 33.17
N MET B 195 0.11 -10.33 32.27
CA MET B 195 1.30 -9.98 31.52
C MET B 195 1.80 -8.63 31.99
N ASP B 196 3.04 -8.57 32.47
CA ASP B 196 3.62 -7.33 32.98
C ASP B 196 4.42 -6.58 31.92
N VAL B 197 4.35 -5.25 31.95
CA VAL B 197 5.28 -4.41 31.21
C VAL B 197 6.71 -4.69 31.72
N PRO B 198 7.70 -4.80 30.81
CA PRO B 198 9.10 -4.99 31.21
C PRO B 198 9.56 -3.94 32.21
N PRO B 199 10.04 -4.38 33.39
CA PRO B 199 10.31 -3.51 34.54
C PRO B 199 11.21 -2.33 34.18
N VAL B 200 12.17 -2.53 33.28
CA VAL B 200 13.06 -1.45 32.89
C VAL B 200 12.28 -0.25 32.34
N LEU B 201 11.14 -0.50 31.68
CA LEU B 201 10.38 0.60 31.11
C LEU B 201 9.69 1.42 32.20
N LEU B 202 9.45 0.80 33.35
CA LEU B 202 8.84 1.49 34.48
C LEU B 202 9.90 2.19 35.36
N SER B 203 11.17 1.89 35.12
CA SER B 203 12.26 2.28 36.03
C SER B 203 12.68 3.73 35.92
N GLY B 204 12.28 4.42 34.86
CA GLY B 204 12.65 5.80 34.66
C GLY B 204 14.13 6.02 34.41
N ASP B 205 14.86 4.94 34.16
CA ASP B 205 16.30 5.02 33.87
C ASP B 205 16.51 5.15 32.38
N HIS B 206 16.71 6.38 31.90
CA HIS B 206 16.74 6.65 30.46
C HIS B 206 17.82 5.83 29.74
N ALA B 207 18.93 5.60 30.43
CA ALA B 207 20.04 4.85 29.86
C ALA B 207 19.72 3.36 29.70
N LYS B 208 19.17 2.74 30.74
CA LYS B 208 18.87 1.32 30.68
C LYS B 208 17.72 1.07 29.71
N ILE B 209 16.77 2.01 29.67
CA ILE B 209 15.64 1.92 28.75
C ILE B 209 16.13 1.97 27.30
N ALA B 210 17.05 2.89 27.02
CA ALA B 210 17.65 3.00 25.69
C ALA B 210 18.37 1.70 25.32
N ALA B 211 19.12 1.16 26.27
CA ALA B 211 19.84 -0.08 26.05
C ALA B 211 18.89 -1.23 25.76
N TRP B 212 17.81 -1.30 26.54
CA TRP B 212 16.85 -2.38 26.39
C TRP B 212 16.16 -2.28 25.03
N ARG B 213 15.75 -1.07 24.67
CA ARG B 213 15.05 -0.85 23.41
C ARG B 213 15.94 -1.19 22.22
N ALA B 214 17.22 -0.88 22.33
CA ALA B 214 18.16 -1.23 21.26
C ALA B 214 18.26 -2.75 21.12
N GLU B 215 18.38 -3.44 22.25
CA GLU B 215 18.47 -4.90 22.23
C GLU B 215 17.19 -5.54 21.65
N GLN B 216 16.03 -4.99 22.02
CA GLN B 216 14.75 -5.48 21.49
C GLN B 216 14.64 -5.31 19.98
N SER B 217 15.01 -4.13 19.51
CA SER B 217 15.03 -3.82 18.09
C SER B 217 16.00 -4.69 17.29
N ARG B 218 17.15 -5.02 17.91
CA ARG B 218 18.13 -5.90 17.28
C ARG B 218 17.56 -7.29 17.06
N GLN B 219 16.95 -7.82 18.11
CA GLN B 219 16.35 -9.14 18.07
C GLN B 219 15.28 -9.14 16.99
N ARG B 220 14.44 -8.13 17.00
CA ARG B 220 13.31 -8.08 16.07
C ARG B 220 13.76 -7.92 14.61
N THR B 221 14.76 -7.08 14.39
CA THR B 221 15.22 -6.86 13.03
C THR B 221 15.88 -8.11 12.48
N ILE B 222 16.72 -8.76 13.30
CA ILE B 222 17.45 -9.93 12.82
C ILE B 222 16.43 -11.07 12.53
N GLU B 223 15.35 -11.12 13.29
CA GLU B 223 14.35 -12.17 13.09
C GLU B 223 13.41 -11.89 11.91
N ARG B 224 12.93 -10.66 11.80
CA ARG B 224 11.90 -10.34 10.81
C ARG B 224 12.43 -9.72 9.53
N ARG B 225 13.52 -8.95 9.63
CA ARG B 225 14.07 -8.25 8.47
C ARG B 225 15.59 -8.29 8.43
N PRO B 226 16.17 -9.50 8.33
CA PRO B 226 17.63 -9.62 8.39
C PRO B 226 18.31 -8.82 7.25
N ASP B 227 17.59 -8.65 6.14
CA ASP B 227 18.06 -7.85 5.02
C ASP B 227 18.43 -6.42 5.42
N LEU B 228 17.71 -5.86 6.38
CA LEU B 228 18.00 -4.48 6.80
C LEU B 228 19.40 -4.34 7.40
N LEU B 229 19.93 -5.44 7.93
CA LEU B 229 21.25 -5.39 8.56
C LEU B 229 22.27 -6.09 7.71
N GLY B 230 21.93 -6.33 6.45
CA GLY B 230 22.88 -6.84 5.49
C GLY B 230 23.10 -8.33 5.56
N PHE B 231 22.07 -9.06 5.95
CA PHE B 231 22.10 -10.53 5.97
C PHE B 231 21.11 -11.14 4.96
N ASP B 232 21.30 -12.42 4.65
CA ASP B 232 20.44 -13.14 3.72
C ASP B 232 18.97 -13.21 4.16
N SER B 233 18.11 -13.55 3.20
CA SER B 233 16.66 -13.65 3.38
C SER B 233 16.08 -12.35 3.91
#